data_1IFH
#
_entry.id   1IFH
#
_cell.length_a   73.100
_cell.length_b   103.900
_cell.length_c   67.000
_cell.angle_alpha   90.00
_cell.angle_beta   90.00
_cell.angle_gamma   90.00
#
_symmetry.space_group_name_H-M   'P 21 21 21'
#
loop_
_entity.id
_entity.type
_entity.pdbx_description
1 polymer 'IGG2A-KAPPA 17/9 FAB (LIGHT CHAIN)'
2 polymer 'IGG2A-KAPPA 17/9 FAB (HEAVY CHAIN)'
3 polymer 'INFLUENZA HEMAGGLUTININ HA1 (STRAIN X47) (RESIDUES 101-107)'
4 water water
#
loop_
_entity_poly.entity_id
_entity_poly.type
_entity_poly.pdbx_seq_one_letter_code
_entity_poly.pdbx_strand_id
1 'polypeptide(L)'
;DIVMTQSPSSLTVTAGEKVTMSCTSSQSLFNSGKQKNYLTWYQQKPGQPPKVLIYWASTRESGVPDRFTGSGSGTDFTLT
ISSVQAEDLAVYYCQNDYSNPLTFGGGTKLELKRADAAPTVSIFPPSSEQLTSGGASVVCFLNNFYPKDINVKWKIDGSE
RQNGVLNSWTDQDSKDSTYSMSSTLTLTKDEYERHNSYTCEATHKTSTSPIVKSFNRN
;
L
2 'polypeptide(L)'
;EVQLVESGGDLVKPGGSLKLSCAASGFSFSSYGMSWVRQTPDKRLEWVATISNGGGYTYYPDSVKGRFTISRDNAKNTLY
LQMSSLKSEDSAMYYCARRERYDENGFAYWGQGTLVTVSAAKTTAPSVYPLAPVCGDTTGSSVTLGCLVKGYFPEPVTLT
WNSGSLSSGVHTFPAVLQSDLYTLSSSVTVTSSTWPSQSITCNVAHPASSTKVDKKIEPR
;
H
3 'polypeptide(L)' (ACE)DVPDYAS P
#
loop_
_chem_comp.id
_chem_comp.type
_chem_comp.name
_chem_comp.formula
ACE non-polymer 'ACETYL GROUP' 'C2 H4 O'
#
# COMPACT_ATOMS: atom_id res chain seq x y z
N ASP A 1 22.87 12.93 5.90
CA ASP A 1 21.92 12.09 6.61
C ASP A 1 22.48 10.70 6.39
N ILE A 2 22.23 9.67 7.20
CA ILE A 2 22.76 8.36 6.90
C ILE A 2 21.70 7.62 6.07
N VAL A 3 21.85 7.61 4.76
CA VAL A 3 20.88 6.96 3.86
C VAL A 3 21.10 5.46 4.05
N MET A 4 20.00 4.68 4.14
CA MET A 4 19.93 3.23 4.36
C MET A 4 19.54 2.56 3.07
N THR A 5 20.00 1.37 2.74
CA THR A 5 19.61 0.68 1.50
C THR A 5 19.24 -0.79 1.72
N GLN A 6 18.14 -1.31 1.19
CA GLN A 6 17.79 -2.69 1.45
C GLN A 6 17.72 -3.40 0.12
N SER A 7 18.36 -4.55 0.10
CA SER A 7 18.34 -5.44 -1.03
C SER A 7 18.13 -6.86 -0.54
N PRO A 8 17.34 -7.67 -1.23
CA PRO A 8 16.51 -7.29 -2.34
C PRO A 8 15.24 -6.49 -1.96
N SER A 9 14.46 -6.00 -2.97
CA SER A 9 13.09 -5.44 -2.77
C SER A 9 12.10 -6.61 -2.58
N SER A 10 12.02 -7.65 -3.42
CA SER A 10 11.16 -8.76 -3.12
C SER A 10 12.05 -9.97 -2.90
N LEU A 11 11.58 -10.92 -2.13
CA LEU A 11 12.32 -12.12 -1.95
C LEU A 11 11.24 -13.22 -1.96
N THR A 12 11.31 -14.16 -2.90
CA THR A 12 10.43 -15.33 -3.07
C THR A 12 10.95 -16.43 -2.17
N VAL A 13 10.17 -16.94 -1.24
CA VAL A 13 10.73 -17.91 -0.32
C VAL A 13 9.90 -19.15 -0.36
N THR A 14 10.47 -20.25 0.10
CA THR A 14 9.74 -21.48 0.28
C THR A 14 9.79 -21.68 1.79
N ALA A 15 8.75 -22.17 2.45
CA ALA A 15 8.74 -22.33 3.87
C ALA A 15 9.61 -23.53 4.19
N GLY A 16 10.33 -23.35 5.29
CA GLY A 16 11.31 -24.30 5.79
C GLY A 16 12.71 -23.87 5.38
N GLU A 17 12.86 -22.96 4.41
CA GLU A 17 14.17 -22.59 3.94
C GLU A 17 14.71 -21.35 4.62
N LYS A 18 16.04 -21.27 4.68
CA LYS A 18 16.71 -20.10 5.19
C LYS A 18 16.60 -18.90 4.27
N VAL A 19 16.21 -17.67 4.64
CA VAL A 19 16.25 -16.56 3.72
C VAL A 19 17.04 -15.43 4.35
N THR A 20 17.77 -14.69 3.54
CA THR A 20 18.69 -13.60 3.94
C THR A 20 18.32 -12.29 3.22
N MET A 21 18.23 -11.22 4.03
CA MET A 21 17.95 -9.86 3.63
C MET A 21 19.14 -8.98 4.00
N SER A 22 19.54 -8.03 3.13
CA SER A 22 20.65 -7.16 3.49
C SER A 22 20.19 -5.75 3.62
N CYS A 23 20.92 -5.07 4.52
CA CYS A 23 20.80 -3.64 4.85
C CYS A 23 22.18 -2.95 4.81
N THR A 24 22.22 -1.70 4.32
CA THR A 24 23.45 -0.93 4.15
C THR A 24 23.31 0.53 4.52
N SER A 25 24.03 1.05 5.52
CA SER A 25 24.02 2.47 5.76
C SER A 25 25.12 3.07 4.91
N SER A 26 25.01 4.37 4.64
CA SER A 26 26.11 5.10 4.01
C SER A 26 27.21 5.56 4.97
N GLN A 27 27.09 5.31 6.28
CA GLN A 27 27.99 5.78 7.33
C GLN A 27 27.83 4.75 8.39
N SER A 28 28.97 4.46 9.03
CA SER A 28 29.09 3.47 10.10
C SER A 28 28.09 3.73 11.22
N LEU A 29 27.29 2.74 11.65
CA LEU A 29 26.34 2.96 12.72
C LEU A 29 26.86 2.49 14.04
N PHE A 30 28.19 2.51 14.12
CA PHE A 30 28.89 1.96 15.25
C PHE A 30 29.19 3.00 16.29
N ASN A 31 28.54 2.68 17.38
CA ASN A 31 28.69 3.46 18.55
C ASN A 31 29.94 2.92 19.20
N SER A 32 31.02 3.70 19.10
CA SER A 32 32.30 3.40 19.71
C SER A 32 32.18 3.32 21.25
N GLY A 33 31.45 4.24 21.89
CA GLY A 33 31.34 4.27 23.34
C GLY A 33 30.64 3.05 23.94
N LYS A 34 29.34 2.90 23.59
CA LYS A 34 28.50 1.79 24.01
C LYS A 34 28.98 0.49 23.39
N GLN A 35 29.76 0.58 22.28
CA GLN A 35 30.38 -0.49 21.50
C GLN A 35 29.47 -1.34 20.62
N LYS A 36 28.34 -0.78 20.20
CA LYS A 36 27.28 -1.49 19.49
C LYS A 36 26.92 -0.70 18.31
N ASN A 37 26.28 -1.39 17.37
CA ASN A 37 25.72 -0.67 16.24
C ASN A 37 24.30 -0.30 16.60
N TYR A 38 23.94 0.95 16.30
CA TYR A 38 22.59 1.45 16.49
C TYR A 38 21.79 1.35 15.20
N LEU A 39 21.48 0.12 14.81
CA LEU A 39 20.69 -0.22 13.67
C LEU A 39 19.54 -1.11 14.14
N THR A 40 18.25 -0.76 13.95
CA THR A 40 17.14 -1.66 14.30
C THR A 40 16.39 -2.28 13.08
N TRP A 41 15.87 -3.51 13.21
CA TRP A 41 15.11 -4.22 12.18
C TRP A 41 13.68 -4.33 12.66
N TYR A 42 12.78 -3.95 11.74
CA TYR A 42 11.34 -3.93 11.93
C TYR A 42 10.52 -4.88 11.03
N GLN A 43 9.39 -5.37 11.50
CA GLN A 43 8.54 -6.21 10.71
C GLN A 43 7.17 -5.61 10.74
N GLN A 44 6.55 -5.37 9.59
CA GLN A 44 5.18 -4.86 9.58
C GLN A 44 4.43 -5.81 8.68
N LYS A 45 3.33 -6.27 9.26
CA LYS A 45 2.37 -7.06 8.54
C LYS A 45 1.21 -6.05 8.35
N PRO A 46 0.25 -6.32 7.47
CA PRO A 46 -0.62 -5.29 6.89
C PRO A 46 -1.74 -4.86 7.82
N GLY A 47 -1.77 -3.54 8.05
CA GLY A 47 -2.74 -3.00 8.97
C GLY A 47 -2.01 -2.57 10.23
N GLN A 48 -1.18 -3.46 10.74
CA GLN A 48 -0.35 -3.17 11.89
C GLN A 48 0.65 -2.07 11.65
N PRO A 49 1.07 -1.32 12.69
CA PRO A 49 2.30 -0.56 12.70
C PRO A 49 3.48 -1.52 12.60
N PRO A 50 4.71 -1.01 12.44
CA PRO A 50 5.91 -1.87 12.41
C PRO A 50 6.06 -2.56 13.76
N LYS A 51 6.95 -3.54 13.94
CA LYS A 51 7.15 -4.24 15.20
C LYS A 51 8.65 -4.31 15.37
N VAL A 52 9.28 -4.19 16.54
CA VAL A 52 10.74 -4.31 16.72
C VAL A 52 11.10 -5.78 16.74
N LEU A 53 12.09 -6.14 15.96
CA LEU A 53 12.47 -7.53 15.82
C LEU A 53 13.85 -7.79 16.43
N ILE A 54 14.85 -7.00 16.01
CA ILE A 54 16.24 -7.17 16.45
C ILE A 54 16.61 -5.71 16.72
N TYR A 55 17.32 -5.39 17.79
CA TYR A 55 17.87 -4.08 17.93
C TYR A 55 19.35 -4.23 18.23
N TRP A 56 20.09 -3.12 18.14
CA TRP A 56 21.55 -3.08 18.30
C TRP A 56 22.14 -4.07 17.33
N ALA A 57 21.62 -4.03 16.09
CA ALA A 57 21.93 -4.91 14.96
C ALA A 57 21.71 -6.40 15.08
N SER A 58 22.01 -7.00 16.25
CA SER A 58 22.08 -8.42 16.53
C SER A 58 21.27 -8.85 17.74
N THR A 59 20.94 -7.98 18.69
CA THR A 59 20.19 -8.35 19.89
C THR A 59 18.71 -8.58 19.57
N ARG A 60 18.25 -9.82 19.66
CA ARG A 60 16.89 -10.19 19.32
C ARG A 60 16.05 -9.67 20.48
N GLU A 61 14.91 -9.03 20.23
CA GLU A 61 14.00 -8.58 21.26
C GLU A 61 13.30 -9.79 21.90
N SER A 62 12.77 -9.60 23.10
CA SER A 62 12.00 -10.57 23.86
C SER A 62 10.73 -11.05 23.11
N GLY A 63 10.50 -12.35 23.01
CA GLY A 63 9.27 -12.83 22.39
C GLY A 63 9.35 -12.97 20.89
N VAL A 64 10.47 -12.50 20.34
CA VAL A 64 10.73 -12.59 18.92
C VAL A 64 11.22 -14.03 18.81
N PRO A 65 10.88 -14.83 17.81
CA PRO A 65 11.43 -16.17 17.69
C PRO A 65 12.91 -16.35 17.32
N ASP A 66 13.41 -17.46 17.83
CA ASP A 66 14.75 -17.94 17.58
C ASP A 66 15.28 -17.96 16.16
N ARG A 67 14.38 -18.13 15.22
CA ARG A 67 14.84 -18.26 13.85
C ARG A 67 15.32 -16.90 13.27
N PHE A 68 15.14 -15.77 14.00
CA PHE A 68 15.52 -14.49 13.44
C PHE A 68 16.86 -14.06 14.01
N THR A 69 17.85 -13.68 13.19
CA THR A 69 19.16 -13.26 13.70
C THR A 69 19.67 -12.11 12.84
N GLY A 70 20.29 -11.18 13.59
CA GLY A 70 20.80 -9.96 13.01
C GLY A 70 22.30 -10.09 12.97
N SER A 71 22.91 -9.65 11.88
CA SER A 71 24.34 -9.83 11.69
C SER A 71 24.91 -8.57 11.08
N GLY A 72 26.21 -8.30 11.12
CA GLY A 72 26.80 -7.18 10.44
C GLY A 72 27.26 -6.05 11.35
N SER A 73 28.11 -5.13 10.87
CA SER A 73 28.66 -4.00 11.63
C SER A 73 29.12 -2.91 10.67
N GLY A 74 29.34 -1.70 11.16
CA GLY A 74 29.84 -0.67 10.28
C GLY A 74 28.75 -0.27 9.35
N THR A 75 28.85 -0.69 8.12
CA THR A 75 27.84 -0.28 7.14
C THR A 75 27.01 -1.41 6.58
N ASP A 76 27.39 -2.67 6.83
CA ASP A 76 26.67 -3.80 6.29
C ASP A 76 26.11 -4.78 7.29
N PHE A 77 24.77 -4.83 7.17
CA PHE A 77 23.88 -5.56 8.04
C PHE A 77 23.05 -6.61 7.30
N THR A 78 22.78 -7.71 8.00
CA THR A 78 22.09 -8.87 7.44
C THR A 78 21.08 -9.57 8.37
N LEU A 79 19.81 -9.64 7.97
CA LEU A 79 18.81 -10.35 8.72
C LEU A 79 18.60 -11.73 8.07
N THR A 80 18.57 -12.70 8.97
CA THR A 80 18.37 -14.08 8.61
C THR A 80 17.10 -14.62 9.26
N ILE A 81 16.29 -15.36 8.52
CA ILE A 81 15.18 -16.11 9.07
C ILE A 81 15.64 -17.52 8.67
N SER A 82 15.77 -18.55 9.49
CA SER A 82 16.35 -19.80 9.05
C SER A 82 15.42 -20.97 8.75
N SER A 83 14.14 -20.90 9.08
CA SER A 83 13.15 -21.86 8.62
C SER A 83 12.07 -20.84 8.40
N VAL A 84 11.96 -20.19 7.24
CA VAL A 84 10.94 -19.20 7.03
C VAL A 84 9.63 -19.96 7.08
N GLN A 85 8.84 -19.53 8.04
CA GLN A 85 7.52 -20.05 8.21
C GLN A 85 6.50 -19.19 7.50
N ALA A 86 5.27 -19.65 7.36
CA ALA A 86 4.22 -18.94 6.64
C ALA A 86 3.75 -17.60 7.21
N GLU A 87 4.02 -17.43 8.50
CA GLU A 87 3.65 -16.23 9.18
C GLU A 87 4.78 -15.22 9.12
N ASP A 88 5.77 -15.39 8.24
CA ASP A 88 6.83 -14.40 8.10
C ASP A 88 6.63 -13.61 6.83
N LEU A 89 5.54 -13.81 6.10
CA LEU A 89 5.39 -13.12 4.85
C LEU A 89 4.80 -11.82 5.30
N ALA A 90 5.79 -10.90 5.39
CA ALA A 90 5.68 -9.51 5.88
C ALA A 90 6.67 -8.61 5.12
N VAL A 91 6.84 -7.34 5.53
CA VAL A 91 7.82 -6.42 4.96
C VAL A 91 8.83 -6.15 6.08
N TYR A 92 10.11 -6.05 5.75
CA TYR A 92 11.14 -5.88 6.76
C TYR A 92 11.90 -4.63 6.45
N TYR A 93 12.05 -3.75 7.44
CA TYR A 93 12.70 -2.47 7.33
C TYR A 93 13.93 -2.41 8.21
N CYS A 94 15.04 -1.77 7.82
CA CYS A 94 16.16 -1.59 8.75
C CYS A 94 16.12 -0.09 9.08
N GLN A 95 16.67 0.32 10.21
CA GLN A 95 16.61 1.72 10.58
C GLN A 95 17.90 2.26 11.21
N ASN A 96 18.35 3.39 10.70
CA ASN A 96 19.42 4.14 11.32
C ASN A 96 18.76 4.75 12.53
N ASP A 97 19.31 4.50 13.69
CA ASP A 97 18.83 4.97 14.98
C ASP A 97 20.13 5.35 15.70
N TYR A 98 21.05 5.95 14.96
CA TYR A 98 22.33 6.36 15.50
C TYR A 98 22.43 7.87 15.57
N SER A 99 22.07 8.52 14.48
CA SER A 99 22.05 9.96 14.37
C SER A 99 20.73 10.37 13.73
N ASN A 100 20.14 11.39 14.37
CA ASN A 100 18.95 12.07 13.97
C ASN A 100 19.53 12.89 12.83
N PRO A 101 18.95 12.97 11.63
CA PRO A 101 17.74 12.28 11.20
C PRO A 101 17.79 10.76 11.05
N LEU A 102 16.75 10.20 11.64
CA LEU A 102 16.52 8.77 11.62
C LEU A 102 15.95 8.51 10.23
N THR A 103 16.47 7.46 9.59
CA THR A 103 16.23 7.13 8.20
C THR A 103 15.74 5.69 8.13
N PHE A 104 14.81 5.31 7.23
CA PHE A 104 14.37 3.91 7.19
C PHE A 104 14.73 3.41 5.79
N GLY A 105 15.06 2.14 5.66
CA GLY A 105 15.22 1.60 4.33
C GLY A 105 13.82 1.44 3.72
N GLY A 106 13.91 1.07 2.44
CA GLY A 106 12.73 0.82 1.63
C GLY A 106 11.93 -0.45 1.93
N GLY A 107 12.52 -1.50 2.49
CA GLY A 107 11.81 -2.71 2.78
C GLY A 107 12.22 -3.78 1.79
N THR A 108 12.12 -4.99 2.28
CA THR A 108 12.25 -6.17 1.48
C THR A 108 10.98 -6.87 1.87
N LYS A 109 10.28 -7.36 0.88
CA LYS A 109 8.98 -7.97 1.09
C LYS A 109 8.97 -9.39 0.60
N LEU A 110 8.65 -10.26 1.54
CA LEU A 110 8.62 -11.68 1.26
C LEU A 110 7.32 -12.04 0.59
N GLU A 111 7.48 -12.90 -0.40
CA GLU A 111 6.39 -13.50 -1.14
C GLU A 111 6.74 -14.95 -1.27
N LEU A 112 5.73 -15.74 -1.41
CA LEU A 112 5.86 -17.16 -1.49
C LEU A 112 5.91 -17.81 -2.87
N LYS A 113 6.96 -18.64 -3.02
CA LYS A 113 7.24 -19.46 -4.17
C LYS A 113 6.07 -20.37 -4.46
N ARG A 114 5.74 -20.52 -5.73
CA ARG A 114 4.62 -21.30 -6.21
C ARG A 114 4.84 -21.60 -7.71
N ALA A 115 4.13 -22.55 -8.35
CA ALA A 115 4.39 -22.80 -9.77
C ALA A 115 3.88 -21.71 -10.69
N ASP A 116 4.36 -21.73 -11.92
CA ASP A 116 3.97 -20.70 -12.83
C ASP A 116 2.61 -21.01 -13.30
N ALA A 117 1.86 -19.96 -13.51
CA ALA A 117 0.50 -20.02 -13.99
C ALA A 117 0.45 -18.90 -15.02
N ALA A 118 -0.49 -19.03 -15.95
CA ALA A 118 -0.61 -18.12 -17.06
C ALA A 118 -1.81 -17.21 -16.75
N PRO A 119 -1.73 -15.90 -17.10
CA PRO A 119 -2.87 -15.00 -16.99
C PRO A 119 -4.13 -15.44 -17.72
N THR A 120 -5.23 -15.39 -16.99
CA THR A 120 -6.55 -15.54 -17.58
C THR A 120 -7.07 -14.10 -17.91
N VAL A 121 -6.92 -13.81 -19.21
CA VAL A 121 -7.18 -12.54 -19.88
C VAL A 121 -8.61 -12.46 -20.45
N SER A 122 -9.32 -11.34 -20.26
CA SER A 122 -10.69 -11.17 -20.73
C SER A 122 -10.84 -9.70 -21.09
N ILE A 123 -11.43 -9.36 -22.26
CA ILE A 123 -11.63 -7.97 -22.64
C ILE A 123 -13.15 -7.58 -22.60
N PHE A 124 -13.47 -6.32 -22.28
CA PHE A 124 -14.85 -5.81 -22.14
C PHE A 124 -14.97 -4.50 -22.99
N PRO A 125 -15.90 -4.35 -23.93
CA PRO A 125 -16.20 -3.07 -24.59
C PRO A 125 -16.80 -2.09 -23.59
N PRO A 126 -16.97 -0.79 -23.83
CA PRO A 126 -17.69 0.12 -22.93
C PRO A 126 -19.15 -0.23 -22.75
N SER A 127 -19.67 0.11 -21.57
CA SER A 127 -21.07 -0.03 -21.33
C SER A 127 -21.83 1.12 -22.02
N SER A 128 -23.03 0.79 -22.49
CA SER A 128 -23.97 1.76 -23.05
C SER A 128 -24.23 2.89 -22.08
N GLU A 129 -24.30 2.61 -20.76
CA GLU A 129 -24.46 3.66 -19.80
C GLU A 129 -23.30 4.64 -19.84
N GLN A 130 -22.07 4.14 -19.91
CA GLN A 130 -20.89 4.97 -20.08
C GLN A 130 -20.83 5.74 -21.38
N LEU A 131 -20.90 4.91 -22.38
CA LEU A 131 -21.03 5.36 -23.71
C LEU A 131 -22.14 6.39 -23.84
N THR A 132 -23.21 6.46 -23.02
CA THR A 132 -24.23 7.52 -23.07
C THR A 132 -23.59 8.86 -22.73
N SER A 133 -22.72 8.85 -21.72
CA SER A 133 -22.03 10.03 -21.23
C SER A 133 -20.81 10.49 -22.01
N GLY A 134 -20.48 9.86 -23.13
CA GLY A 134 -19.36 10.31 -23.93
C GLY A 134 -18.01 9.66 -23.66
N GLY A 135 -17.92 8.64 -22.77
CA GLY A 135 -16.67 7.99 -22.43
C GLY A 135 -16.60 6.61 -23.05
N ALA A 136 -15.40 6.11 -23.32
CA ALA A 136 -15.16 4.77 -23.86
C ALA A 136 -13.99 4.10 -23.18
N SER A 137 -14.24 3.42 -22.10
CA SER A 137 -13.18 2.70 -21.45
C SER A 137 -13.25 1.25 -21.81
N VAL A 138 -12.16 0.68 -22.31
CA VAL A 138 -12.09 -0.75 -22.58
C VAL A 138 -11.33 -1.44 -21.44
N VAL A 139 -11.83 -2.52 -20.89
CA VAL A 139 -11.18 -3.16 -19.77
C VAL A 139 -10.73 -4.56 -20.16
N CYS A 140 -9.49 -4.82 -19.71
CA CYS A 140 -8.86 -6.07 -19.92
C CYS A 140 -8.40 -6.46 -18.54
N PHE A 141 -8.60 -7.74 -18.10
CA PHE A 141 -8.14 -8.30 -16.79
C PHE A 141 -7.12 -9.42 -17.04
N LEU A 142 -6.15 -9.56 -16.17
CA LEU A 142 -5.17 -10.61 -16.30
C LEU A 142 -5.20 -11.16 -14.90
N ASN A 143 -6.03 -12.17 -14.72
CA ASN A 143 -6.25 -12.71 -13.41
C ASN A 143 -5.61 -14.05 -13.23
N ASN A 144 -4.99 -14.20 -12.06
CA ASN A 144 -4.39 -15.44 -11.55
C ASN A 144 -3.19 -16.01 -12.26
N PHE A 145 -2.02 -15.39 -12.07
CA PHE A 145 -0.80 -15.81 -12.75
C PHE A 145 0.33 -15.71 -11.76
N TYR A 146 1.39 -16.36 -12.14
CA TYR A 146 2.57 -16.41 -11.33
C TYR A 146 3.71 -16.74 -12.29
N PRO A 147 4.92 -16.17 -12.25
CA PRO A 147 5.36 -15.15 -11.29
C PRO A 147 4.77 -13.75 -11.50
N LYS A 148 5.01 -12.79 -10.62
CA LYS A 148 4.43 -11.46 -10.72
C LYS A 148 4.68 -10.56 -11.94
N ASP A 149 5.68 -10.80 -12.79
CA ASP A 149 5.99 -9.86 -13.86
C ASP A 149 5.40 -10.22 -15.22
N ILE A 150 4.50 -9.31 -15.54
CA ILE A 150 3.69 -9.31 -16.76
C ILE A 150 3.80 -7.89 -17.37
N ASN A 151 3.60 -7.79 -18.69
CA ASN A 151 3.60 -6.55 -19.40
C ASN A 151 2.29 -6.58 -20.21
N VAL A 152 1.57 -5.48 -20.35
CA VAL A 152 0.34 -5.38 -21.12
C VAL A 152 0.52 -4.39 -22.30
N LYS A 153 -0.11 -4.55 -23.47
CA LYS A 153 -0.07 -3.54 -24.53
C LYS A 153 -1.51 -3.44 -25.04
N TRP A 154 -1.95 -2.25 -25.37
CA TRP A 154 -3.22 -2.03 -25.98
C TRP A 154 -2.97 -1.71 -27.42
N LYS A 155 -3.71 -2.24 -28.36
CA LYS A 155 -3.61 -1.80 -29.72
C LYS A 155 -5.02 -1.46 -30.13
N ILE A 156 -5.15 -0.46 -31.00
CA ILE A 156 -6.42 -0.05 -31.53
C ILE A 156 -6.10 -0.12 -33.00
N ASP A 157 -6.84 -0.99 -33.67
CA ASP A 157 -6.65 -1.32 -35.09
C ASP A 157 -5.16 -1.54 -35.38
N GLY A 158 -4.54 -2.37 -34.54
CA GLY A 158 -3.17 -2.78 -34.78
C GLY A 158 -2.08 -1.82 -34.41
N SER A 159 -2.42 -0.62 -33.93
CA SER A 159 -1.41 0.35 -33.52
C SER A 159 -1.24 0.36 -32.02
N GLU A 160 -0.02 0.60 -31.53
CA GLU A 160 0.19 0.59 -30.10
C GLU A 160 -0.31 1.88 -29.45
N ARG A 161 -1.16 1.69 -28.47
CA ARG A 161 -1.72 2.79 -27.75
C ARG A 161 -0.90 2.91 -26.49
N GLN A 162 -0.45 4.15 -26.34
CA GLN A 162 0.48 4.46 -25.29
C GLN A 162 -0.16 5.14 -24.08
N ASN A 163 -0.86 6.21 -24.41
CA ASN A 163 -1.36 6.99 -23.31
C ASN A 163 -2.86 6.93 -23.30
N GLY A 164 -3.34 6.89 -22.06
CA GLY A 164 -4.72 6.66 -21.81
C GLY A 164 -4.87 5.36 -21.05
N VAL A 165 -3.84 4.51 -20.89
CA VAL A 165 -4.11 3.31 -20.11
C VAL A 165 -3.71 3.48 -18.61
N LEU A 166 -4.61 3.00 -17.72
CA LEU A 166 -4.39 2.97 -16.28
C LEU A 166 -4.29 1.50 -15.82
N ASN A 167 -3.33 1.07 -14.95
CA ASN A 167 -3.18 -0.34 -14.54
C ASN A 167 -3.15 -0.45 -13.05
N SER A 168 -3.73 -1.50 -12.48
CA SER A 168 -3.67 -1.69 -11.03
C SER A 168 -3.47 -3.16 -10.79
N TRP A 169 -2.33 -3.37 -10.15
CA TRP A 169 -1.82 -4.70 -9.87
C TRP A 169 -2.34 -5.08 -8.46
N THR A 170 -2.51 -6.35 -8.09
CA THR A 170 -2.84 -6.70 -6.70
C THR A 170 -1.64 -7.33 -5.95
N ASP A 171 -1.72 -7.53 -4.63
CA ASP A 171 -0.74 -8.29 -3.86
C ASP A 171 -1.04 -9.81 -4.00
N GLN A 172 -0.03 -10.60 -3.59
CA GLN A 172 -0.04 -12.05 -3.76
C GLN A 172 -1.19 -12.63 -3.01
N ASP A 173 -2.20 -13.06 -3.74
CA ASP A 173 -3.36 -13.64 -3.11
C ASP A 173 -3.00 -14.74 -2.14
N SER A 174 -3.57 -14.54 -0.97
CA SER A 174 -3.45 -15.40 0.21
C SER A 174 -3.85 -16.87 0.04
N LYS A 175 -5.01 -17.00 -0.59
CA LYS A 175 -5.61 -18.29 -0.84
C LYS A 175 -4.79 -19.11 -1.83
N ASP A 176 -4.18 -18.57 -2.90
CA ASP A 176 -3.48 -19.43 -3.86
C ASP A 176 -2.14 -18.94 -4.41
N SER A 177 -1.53 -17.94 -3.75
CA SER A 177 -0.26 -17.32 -4.08
C SER A 177 -0.15 -16.72 -5.45
N THR A 178 -1.28 -16.34 -6.06
CA THR A 178 -1.14 -15.72 -7.37
C THR A 178 -1.29 -14.21 -7.32
N TYR A 179 -1.09 -13.58 -8.47
CA TYR A 179 -1.15 -12.14 -8.67
C TYR A 179 -2.16 -11.78 -9.73
N SER A 180 -2.75 -10.59 -9.70
CA SER A 180 -3.67 -10.13 -10.72
C SER A 180 -3.49 -8.67 -11.13
N MET A 181 -3.81 -8.36 -12.35
CA MET A 181 -3.62 -7.05 -12.93
C MET A 181 -4.86 -6.58 -13.71
N SER A 182 -5.22 -5.31 -13.75
CA SER A 182 -6.27 -4.87 -14.64
C SER A 182 -5.65 -3.70 -15.38
N SER A 183 -6.07 -3.52 -16.63
CA SER A 183 -5.66 -2.47 -17.51
C SER A 183 -6.91 -1.81 -18.17
N THR A 184 -7.24 -0.53 -17.97
CA THR A 184 -8.37 0.09 -18.64
C THR A 184 -7.81 1.01 -19.73
N LEU A 185 -8.21 1.05 -20.99
CA LEU A 185 -7.74 2.05 -21.89
C LEU A 185 -8.91 3.01 -21.83
N THR A 186 -8.72 4.29 -21.50
CA THR A 186 -9.84 5.22 -21.58
C THR A 186 -9.68 6.16 -22.75
N LEU A 187 -10.75 6.29 -23.53
CA LEU A 187 -10.85 7.14 -24.70
C LEU A 187 -12.17 7.92 -24.67
N THR A 188 -12.28 8.85 -25.63
CA THR A 188 -13.51 9.57 -25.92
C THR A 188 -14.44 8.71 -26.78
N LYS A 189 -15.73 9.04 -26.71
CA LYS A 189 -16.68 8.34 -27.55
C LYS A 189 -16.36 8.60 -29.02
N ASP A 190 -15.75 9.72 -29.36
CA ASP A 190 -15.46 10.13 -30.71
C ASP A 190 -14.50 9.15 -31.31
N GLU A 191 -13.41 8.98 -30.54
CA GLU A 191 -12.29 8.11 -30.86
C GLU A 191 -12.70 6.66 -31.00
N TYR A 192 -13.46 6.28 -29.99
CA TYR A 192 -14.06 5.00 -29.95
C TYR A 192 -14.94 4.82 -31.17
N GLU A 193 -15.63 5.84 -31.68
CA GLU A 193 -16.49 5.57 -32.78
C GLU A 193 -15.76 5.57 -34.10
N ARG A 194 -14.45 5.82 -34.19
CA ARG A 194 -13.87 5.63 -35.48
C ARG A 194 -12.90 4.50 -35.43
N HIS A 195 -12.87 3.59 -34.47
CA HIS A 195 -11.92 2.50 -34.64
C HIS A 195 -12.70 1.21 -34.60
N ASN A 196 -12.49 0.22 -35.44
CA ASN A 196 -13.32 -0.95 -35.29
C ASN A 196 -12.81 -2.01 -34.30
N SER A 197 -11.52 -2.26 -34.05
CA SER A 197 -11.13 -3.25 -33.06
C SER A 197 -10.08 -2.79 -32.11
N TYR A 198 -10.16 -3.41 -30.95
CA TYR A 198 -9.36 -3.08 -29.81
C TYR A 198 -8.77 -4.41 -29.36
N THR A 199 -7.45 -4.52 -29.20
CA THR A 199 -6.80 -5.75 -28.81
C THR A 199 -5.95 -5.43 -27.57
N CYS A 200 -5.86 -6.41 -26.71
CA CYS A 200 -5.22 -6.37 -25.41
C CYS A 200 -4.17 -7.43 -25.60
N GLU A 201 -2.90 -7.11 -25.50
CA GLU A 201 -1.89 -8.07 -25.81
C GLU A 201 -1.06 -8.22 -24.55
N ALA A 202 -0.74 -9.39 -23.99
CA ALA A 202 0.02 -9.49 -22.73
C ALA A 202 1.17 -10.48 -22.72
N THR A 203 2.31 -10.25 -22.09
CA THR A 203 3.40 -11.23 -22.14
C THR A 203 3.73 -11.66 -20.75
N HIS A 204 4.03 -12.96 -20.62
CA HIS A 204 4.35 -13.55 -19.33
C HIS A 204 5.32 -14.68 -19.63
N LYS A 205 6.39 -14.98 -18.86
CA LYS A 205 7.27 -16.16 -19.02
C LYS A 205 6.58 -17.49 -19.38
N THR A 206 5.33 -17.70 -18.97
CA THR A 206 4.51 -18.86 -19.31
C THR A 206 4.28 -19.10 -20.82
N SER A 207 4.55 -18.00 -21.54
CA SER A 207 4.20 -17.85 -22.91
C SER A 207 5.36 -17.29 -23.73
N THR A 208 5.56 -18.02 -24.82
CA THR A 208 6.47 -17.62 -25.86
C THR A 208 5.94 -16.32 -26.53
N SER A 209 4.68 -16.37 -26.95
CA SER A 209 4.05 -15.27 -27.59
C SER A 209 3.18 -14.58 -26.56
N PRO A 210 3.03 -13.27 -26.70
CA PRO A 210 1.92 -12.53 -26.15
C PRO A 210 0.58 -13.21 -26.41
N ILE A 211 -0.28 -12.93 -25.43
CA ILE A 211 -1.63 -13.43 -25.32
C ILE A 211 -2.45 -12.31 -25.86
N VAL A 212 -3.40 -12.67 -26.73
CA VAL A 212 -4.16 -11.72 -27.49
C VAL A 212 -5.63 -11.82 -27.20
N LYS A 213 -6.23 -10.72 -26.83
CA LYS A 213 -7.65 -10.65 -26.65
C LYS A 213 -8.13 -9.46 -27.45
N SER A 214 -9.12 -9.60 -28.32
CA SER A 214 -9.61 -8.52 -29.13
C SER A 214 -11.10 -8.63 -29.19
N PHE A 215 -11.71 -7.50 -29.52
CA PHE A 215 -13.12 -7.43 -29.78
C PHE A 215 -13.14 -6.36 -30.84
N ASN A 216 -14.28 -6.36 -31.49
CA ASN A 216 -14.55 -5.67 -32.74
C ASN A 216 -15.91 -5.05 -32.53
N ARG A 217 -16.30 -3.97 -33.16
CA ARG A 217 -17.62 -3.43 -32.84
C ARG A 217 -18.96 -3.84 -33.54
N ASN A 218 -19.93 -3.77 -32.80
N GLU B 1 -0.02 -1.31 30.44
CA GLU B 1 -0.01 -1.68 29.05
C GLU B 1 0.29 -0.28 28.51
N VAL B 2 1.23 -0.15 27.60
CA VAL B 2 1.55 1.14 27.04
C VAL B 2 0.54 1.27 25.90
N GLN B 3 -0.13 2.43 25.88
CA GLN B 3 -1.17 2.74 24.93
C GLN B 3 -0.88 4.12 24.39
N LEU B 4 -0.83 4.30 23.08
CA LEU B 4 -0.45 5.58 22.47
C LEU B 4 -1.52 5.60 21.40
N VAL B 5 -2.57 6.44 21.54
CA VAL B 5 -3.70 6.46 20.60
C VAL B 5 -3.68 7.81 19.96
N GLU B 6 -3.78 7.90 18.62
CA GLU B 6 -3.71 9.21 17.91
C GLU B 6 -5.10 9.67 17.43
N SER B 7 -5.28 10.97 17.11
CA SER B 7 -6.54 11.56 16.69
C SER B 7 -6.24 12.77 15.83
N GLY B 8 -7.19 13.32 15.05
CA GLY B 8 -6.93 14.53 14.27
C GLY B 8 -6.85 14.38 12.76
N GLY B 9 -6.33 13.29 12.16
CA GLY B 9 -6.16 13.13 10.70
C GLY B 9 -7.42 13.44 9.92
N ASP B 10 -7.30 14.05 8.72
CA ASP B 10 -8.45 14.56 7.99
C ASP B 10 -8.01 15.05 6.62
N LEU B 11 -9.00 15.59 5.90
CA LEU B 11 -8.77 16.15 4.58
C LEU B 11 -8.46 17.60 4.84
N VAL B 12 -7.41 18.05 4.19
CA VAL B 12 -6.96 19.37 4.46
C VAL B 12 -6.69 19.88 3.06
N LYS B 13 -6.89 21.16 2.96
CA LYS B 13 -6.57 21.91 1.76
C LYS B 13 -5.04 22.10 1.79
N PRO B 14 -4.27 22.04 0.68
CA PRO B 14 -2.85 22.32 0.72
C PRO B 14 -2.69 23.76 1.16
N GLY B 15 -1.57 24.09 1.82
CA GLY B 15 -1.39 25.38 2.48
C GLY B 15 -2.41 25.64 3.64
N GLY B 16 -2.86 24.58 4.33
CA GLY B 16 -3.74 24.72 5.48
C GLY B 16 -2.96 24.46 6.77
N SER B 17 -3.63 23.96 7.78
CA SER B 17 -3.07 23.71 9.08
C SER B 17 -3.88 22.52 9.66
N LEU B 18 -3.31 21.65 10.50
CA LEU B 18 -4.05 20.58 11.16
C LEU B 18 -3.34 20.26 12.47
N LYS B 19 -3.94 19.78 13.54
CA LYS B 19 -3.18 19.55 14.74
C LYS B 19 -3.61 18.21 15.24
N LEU B 20 -2.69 17.27 15.28
CA LEU B 20 -2.99 15.92 15.74
C LEU B 20 -2.67 15.79 17.22
N SER B 21 -3.17 14.78 17.91
CA SER B 21 -2.89 14.57 19.32
C SER B 21 -2.51 13.13 19.53
N CYS B 22 -1.65 12.79 20.49
CA CYS B 22 -1.28 11.41 20.79
C CYS B 22 -1.45 11.26 22.30
N ALA B 23 -2.35 10.40 22.75
CA ALA B 23 -2.56 10.29 24.18
C ALA B 23 -2.04 8.98 24.73
N ALA B 24 -1.01 9.14 25.57
CA ALA B 24 -0.27 8.02 26.08
C ALA B 24 -0.74 7.50 27.40
N SER B 25 -0.45 6.24 27.62
CA SER B 25 -0.90 5.56 28.80
C SER B 25 0.06 4.42 29.13
N GLY B 26 -0.12 3.92 30.37
CA GLY B 26 0.57 2.83 30.99
C GLY B 26 2.05 3.06 31.19
N PHE B 27 2.47 4.29 31.39
CA PHE B 27 3.86 4.58 31.66
C PHE B 27 3.99 5.98 32.19
N SER B 28 5.14 6.38 32.71
CA SER B 28 5.29 7.78 33.03
C SER B 28 5.83 8.53 31.79
N PHE B 29 4.79 9.16 31.21
CA PHE B 29 4.90 10.00 30.05
C PHE B 29 6.13 10.93 30.08
N SER B 30 6.36 11.58 31.21
CA SER B 30 7.43 12.52 31.29
C SER B 30 8.81 11.94 31.27
N SER B 31 9.07 10.67 31.58
CA SER B 31 10.45 10.18 31.60
C SER B 31 10.84 9.80 30.19
N TYR B 32 9.95 9.83 29.18
CA TYR B 32 10.34 9.39 27.85
C TYR B 32 10.12 10.46 26.81
N GLY B 33 11.04 10.49 25.87
CA GLY B 33 10.84 11.35 24.74
C GLY B 33 9.88 10.68 23.77
N MET B 34 9.51 11.34 22.69
CA MET B 34 8.53 10.79 21.77
C MET B 34 8.86 11.26 20.39
N SER B 35 8.29 10.57 19.44
CA SER B 35 8.42 10.91 18.06
C SER B 35 7.11 10.81 17.32
N TRP B 36 7.11 11.45 16.15
CA TRP B 36 6.07 11.26 15.21
C TRP B 36 6.82 10.63 14.09
N VAL B 37 6.33 9.51 13.60
CA VAL B 37 6.90 8.79 12.46
C VAL B 37 5.74 8.58 11.43
N ARG B 38 5.78 9.02 10.18
CA ARG B 38 4.71 8.83 9.19
C ARG B 38 4.91 7.73 8.11
N GLN B 39 3.81 7.23 7.53
CA GLN B 39 3.93 6.28 6.45
C GLN B 39 3.26 6.75 5.15
N THR B 40 3.95 6.81 4.02
CA THR B 40 3.26 7.28 2.85
C THR B 40 2.55 6.09 2.23
N PRO B 41 1.63 6.35 1.31
CA PRO B 41 1.04 5.33 0.43
C PRO B 41 1.99 4.37 -0.28
N ASP B 42 3.18 4.75 -0.69
CA ASP B 42 4.17 3.80 -1.19
C ASP B 42 4.84 3.02 -0.04
N LYS B 43 4.28 3.07 1.17
CA LYS B 43 4.79 2.42 2.36
C LYS B 43 6.21 2.83 2.72
N ARG B 44 6.56 4.05 2.34
CA ARG B 44 7.84 4.62 2.67
C ARG B 44 7.57 5.07 4.10
N LEU B 45 8.44 4.73 5.04
CA LEU B 45 8.36 5.19 6.45
C LEU B 45 9.37 6.31 6.65
N GLU B 46 8.99 7.39 7.34
CA GLU B 46 9.95 8.42 7.65
C GLU B 46 9.65 9.08 8.97
N TRP B 47 10.74 9.53 9.55
CA TRP B 47 10.67 10.25 10.78
C TRP B 47 10.21 11.73 10.55
N VAL B 48 9.50 12.31 11.52
CA VAL B 48 8.95 13.64 11.43
C VAL B 48 9.42 14.55 12.57
N ALA B 49 9.48 14.16 13.84
CA ALA B 49 9.86 15.05 14.90
C ALA B 49 10.07 14.18 16.10
N THR B 50 10.88 14.70 17.01
CA THR B 50 11.19 14.07 18.29
C THR B 50 11.16 15.25 19.25
N ILE B 51 10.69 15.04 20.47
CA ILE B 51 10.60 16.03 21.52
C ILE B 51 11.17 15.28 22.72
N SER B 52 12.01 15.90 23.55
CA SER B 52 12.58 15.15 24.65
C SER B 52 11.54 15.30 25.74
N ASN B 53 11.68 14.41 26.70
CA ASN B 53 10.85 14.19 27.87
C ASN B 53 10.37 15.36 28.68
N GLY B 54 11.12 16.44 28.65
CA GLY B 54 10.64 17.64 29.32
C GLY B 54 10.36 18.77 28.33
N GLY B 55 10.14 18.44 27.04
CA GLY B 55 9.90 19.40 25.97
C GLY B 55 10.98 20.48 25.75
N GLY B 56 12.11 20.40 26.45
CA GLY B 56 13.22 21.28 26.25
C GLY B 56 14.05 20.96 25.01
N TYR B 57 13.87 19.86 24.25
CA TYR B 57 14.64 19.62 23.02
C TYR B 57 13.73 19.01 21.97
N THR B 58 13.64 19.63 20.79
CA THR B 58 12.84 19.18 19.68
C THR B 58 13.70 18.94 18.41
N TYR B 59 13.39 18.01 17.52
CA TYR B 59 14.29 17.67 16.42
C TYR B 59 13.45 17.49 15.17
N TYR B 60 13.87 18.07 14.04
CA TYR B 60 13.16 17.98 12.79
C TYR B 60 13.99 17.66 11.55
N PRO B 61 13.46 16.87 10.61
CA PRO B 61 13.98 16.71 9.27
C PRO B 61 13.68 17.95 8.48
N ASP B 62 14.52 18.20 7.49
CA ASP B 62 14.43 19.37 6.66
C ASP B 62 13.13 19.56 5.94
N SER B 63 12.45 18.47 5.64
CA SER B 63 11.14 18.43 4.97
C SER B 63 10.00 19.20 5.61
N VAL B 64 10.09 19.01 6.92
CA VAL B 64 9.12 19.33 7.93
C VAL B 64 9.63 20.49 8.80
N LYS B 65 10.90 20.91 8.70
CA LYS B 65 11.50 21.90 9.58
C LYS B 65 10.93 23.26 9.24
N GLY B 66 10.40 23.90 10.27
CA GLY B 66 9.76 25.20 10.14
C GLY B 66 8.32 25.20 9.61
N ARG B 67 7.75 24.01 9.38
CA ARG B 67 6.36 23.81 8.95
C ARG B 67 5.54 23.06 10.03
N PHE B 68 6.16 22.11 10.75
CA PHE B 68 5.50 21.40 11.82
C PHE B 68 6.21 21.69 13.14
N THR B 69 5.51 21.53 14.28
CA THR B 69 6.10 21.73 15.60
C THR B 69 5.67 20.60 16.53
N ILE B 70 6.59 19.87 17.17
CA ILE B 70 6.18 18.81 18.11
C ILE B 70 6.17 19.50 19.48
N SER B 71 5.17 19.20 20.30
CA SER B 71 5.06 19.80 21.63
C SER B 71 4.44 18.76 22.54
N ARG B 72 4.56 18.90 23.85
CA ARG B 72 3.86 17.96 24.70
C ARG B 72 3.09 18.64 25.86
N ASP B 73 2.25 17.88 26.55
CA ASP B 73 1.60 18.33 27.74
C ASP B 73 1.89 17.15 28.68
N ASN B 74 2.78 17.39 29.62
CA ASN B 74 3.18 16.36 30.55
C ASN B 74 2.19 16.09 31.64
N ALA B 75 1.28 17.07 31.88
CA ALA B 75 0.24 17.03 32.93
C ALA B 75 -0.97 16.26 32.49
N LYS B 76 -1.23 16.42 31.20
CA LYS B 76 -2.38 15.84 30.58
C LYS B 76 -2.02 14.58 29.82
N ASN B 77 -0.78 14.09 29.93
CA ASN B 77 -0.32 12.88 29.25
C ASN B 77 -0.49 12.88 27.74
N THR B 78 -0.46 14.05 27.09
CA THR B 78 -0.82 14.16 25.68
C THR B 78 0.38 14.71 24.90
N LEU B 79 0.67 14.27 23.68
CA LEU B 79 1.74 14.75 22.83
C LEU B 79 1.04 15.44 21.66
N TYR B 80 1.51 16.48 20.94
CA TYR B 80 0.80 17.10 19.79
C TYR B 80 1.64 17.27 18.51
N LEU B 81 1.02 17.60 17.36
CA LEU B 81 1.77 18.08 16.23
C LEU B 81 0.88 18.97 15.40
N GLN B 82 1.31 20.20 15.39
CA GLN B 82 0.74 21.26 14.62
C GLN B 82 1.35 21.28 13.24
N MET B 83 0.60 20.85 12.26
CA MET B 83 1.06 20.91 10.89
C MET B 83 0.58 22.22 10.27
N SER B 84 1.44 22.91 9.54
CA SER B 84 1.09 24.13 8.88
C SER B 84 1.84 24.13 7.58
N SER B 85 1.06 24.74 6.70
CA SER B 85 1.37 24.92 5.31
C SER B 85 1.60 23.55 4.66
N LEU B 86 0.51 22.80 4.83
CA LEU B 86 0.40 21.46 4.33
C LEU B 86 0.48 21.27 2.84
N LYS B 87 1.48 20.61 2.34
CA LYS B 87 1.55 20.25 0.92
C LYS B 87 0.85 18.89 0.74
N SER B 88 0.49 18.50 -0.49
CA SER B 88 0.05 17.14 -0.81
C SER B 88 1.12 16.06 -0.56
N GLU B 89 2.46 16.25 -0.60
CA GLU B 89 3.42 15.20 -0.24
C GLU B 89 3.32 14.75 1.21
N ASP B 90 2.60 15.49 2.07
CA ASP B 90 2.51 15.08 3.47
C ASP B 90 1.31 14.19 3.80
N SER B 91 0.53 13.76 2.81
CA SER B 91 -0.55 12.83 3.03
C SER B 91 0.11 11.57 3.51
N ALA B 92 -0.22 11.03 4.67
CA ALA B 92 0.43 9.85 5.21
C ALA B 92 -0.35 9.42 6.46
N MET B 93 0.00 8.26 7.00
CA MET B 93 -0.44 7.71 8.27
C MET B 93 0.52 8.21 9.35
N TYR B 94 0.08 8.91 10.38
CA TYR B 94 1.01 9.46 11.31
C TYR B 94 0.88 8.64 12.58
N TYR B 95 2.02 8.13 13.00
CA TYR B 95 2.18 7.27 14.14
C TYR B 95 2.84 7.98 15.31
N CYS B 96 2.45 7.84 16.58
CA CYS B 96 3.31 8.38 17.62
C CYS B 96 4.02 7.19 18.18
N ALA B 97 5.26 7.44 18.56
CA ALA B 97 6.07 6.35 19.01
C ALA B 97 6.92 6.86 20.11
N ARG B 98 7.16 6.05 21.11
CA ARG B 98 8.00 6.41 22.23
C ARG B 98 9.51 6.33 21.92
N ARG B 99 10.35 7.23 22.45
CA ARG B 99 11.80 7.10 22.29
C ARG B 99 12.26 6.32 23.50
N GLU B 100 13.03 5.24 23.37
CA GLU B 100 13.31 4.46 24.56
C GLU B 100 14.57 4.89 25.27
N ARG B 101 14.39 6.02 25.94
CA ARG B 101 15.38 6.69 26.80
C ARG B 101 16.22 5.82 27.73
N TYR B 102 15.62 4.74 28.22
CA TYR B 102 16.38 3.81 29.01
C TYR B 102 16.96 2.68 28.20
N ASP B 103 16.16 2.05 27.34
CA ASP B 103 16.78 0.92 26.67
C ASP B 103 17.63 1.13 25.45
N GLU B 104 17.47 2.31 24.86
CA GLU B 104 18.09 2.80 23.63
C GLU B 104 18.12 1.77 22.52
N ASN B 105 16.93 1.22 22.38
CA ASN B 105 16.77 0.10 21.51
C ASN B 105 15.77 0.25 20.39
N GLY B 106 15.56 1.45 19.83
CA GLY B 106 14.67 1.72 18.69
C GLY B 106 13.22 2.08 19.02
N PHE B 107 12.27 1.99 18.07
CA PHE B 107 10.89 2.31 18.37
C PHE B 107 10.13 1.09 18.81
N ALA B 108 10.21 0.79 20.11
CA ALA B 108 9.54 -0.38 20.61
C ALA B 108 8.02 -0.20 20.68
N TYR B 109 7.53 1.00 21.01
CA TYR B 109 6.11 1.22 21.17
C TYR B 109 5.58 2.23 20.18
N TRP B 110 4.68 1.74 19.29
CA TRP B 110 3.99 2.57 18.29
C TRP B 110 2.49 2.67 18.60
N GLY B 111 1.88 3.72 18.07
CA GLY B 111 0.45 3.94 18.22
C GLY B 111 -0.32 3.24 17.11
N GLN B 112 -1.56 3.65 16.86
CA GLN B 112 -2.43 3.08 15.83
C GLN B 112 -2.38 3.76 14.49
N GLY B 113 -1.95 5.01 14.48
CA GLY B 113 -1.90 5.78 13.29
C GLY B 113 -3.13 6.69 13.11
N THR B 114 -3.02 7.87 12.47
CA THR B 114 -4.16 8.70 12.10
C THR B 114 -3.75 9.22 10.73
N LEU B 115 -4.74 9.36 9.87
CA LEU B 115 -4.46 9.61 8.51
C LEU B 115 -4.76 11.02 7.97
N VAL B 116 -3.80 11.74 7.43
CA VAL B 116 -4.02 13.07 6.95
C VAL B 116 -4.05 12.97 5.41
N THR B 117 -4.97 13.65 4.70
CA THR B 117 -5.00 13.69 3.24
C THR B 117 -5.01 15.18 2.85
N VAL B 118 -4.07 15.65 2.03
CA VAL B 118 -3.96 17.06 1.74
C VAL B 118 -4.17 17.01 0.26
N SER B 119 -5.31 17.57 -0.11
CA SER B 119 -5.87 17.48 -1.43
C SER B 119 -6.88 18.57 -1.54
N ALA B 120 -6.76 19.19 -2.72
CA ALA B 120 -7.66 20.25 -3.13
C ALA B 120 -8.91 19.70 -3.83
N ALA B 121 -9.07 18.38 -3.83
CA ALA B 121 -10.23 17.77 -4.46
C ALA B 121 -11.52 17.98 -3.64
N LYS B 122 -12.63 17.55 -4.24
CA LYS B 122 -13.95 17.76 -3.68
C LYS B 122 -14.66 16.45 -3.68
N THR B 123 -15.56 16.21 -2.72
CA THR B 123 -16.32 14.99 -2.76
C THR B 123 -17.04 14.88 -4.09
N THR B 124 -16.82 13.71 -4.67
CA THR B 124 -17.42 13.35 -5.92
C THR B 124 -17.74 11.87 -5.73
N ALA B 125 -19.00 11.64 -6.04
CA ALA B 125 -19.49 10.30 -5.96
C ALA B 125 -19.15 9.74 -7.33
N PRO B 126 -18.87 8.44 -7.39
CA PRO B 126 -18.49 7.73 -8.61
C PRO B 126 -19.57 7.37 -9.64
N SER B 127 -19.02 6.97 -10.79
CA SER B 127 -19.79 6.38 -11.84
C SER B 127 -19.49 4.86 -11.78
N VAL B 128 -20.47 3.98 -11.60
CA VAL B 128 -20.25 2.54 -11.59
C VAL B 128 -20.74 2.07 -12.95
N TYR B 129 -20.00 1.15 -13.52
CA TYR B 129 -20.26 0.61 -14.84
C TYR B 129 -20.29 -0.88 -14.79
N PRO B 130 -21.28 -1.56 -15.34
CA PRO B 130 -21.23 -3.03 -15.43
C PRO B 130 -20.43 -3.47 -16.67
N LEU B 131 -19.55 -4.47 -16.51
CA LEU B 131 -18.71 -4.92 -17.60
C LEU B 131 -19.12 -6.40 -17.78
N ALA B 132 -19.80 -6.46 -18.90
CA ALA B 132 -20.51 -7.63 -19.31
C ALA B 132 -19.60 -8.26 -20.33
N PRO B 133 -19.35 -9.59 -20.30
CA PRO B 133 -18.53 -10.28 -21.29
C PRO B 133 -19.03 -10.02 -22.71
N VAL B 134 -18.24 -10.34 -23.72
CA VAL B 134 -18.64 -9.89 -25.04
C VAL B 134 -18.76 -10.92 -26.11
N CYS B 135 -17.65 -11.39 -26.67
CA CYS B 135 -17.68 -12.23 -27.85
C CYS B 135 -18.30 -13.57 -27.48
N GLY B 136 -18.18 -14.47 -28.46
CA GLY B 136 -18.48 -15.85 -28.21
C GLY B 136 -17.50 -16.46 -27.22
N ASP B 137 -16.68 -15.67 -26.47
CA ASP B 137 -15.88 -16.26 -25.40
C ASP B 137 -16.80 -16.77 -24.28
N THR B 138 -17.84 -15.92 -24.11
CA THR B 138 -18.89 -15.95 -23.08
C THR B 138 -19.24 -17.26 -22.40
N THR B 139 -19.39 -18.33 -23.20
CA THR B 139 -19.84 -19.59 -22.66
C THR B 139 -18.67 -20.55 -22.83
N GLY B 140 -18.29 -21.04 -21.66
CA GLY B 140 -17.31 -22.06 -21.59
C GLY B 140 -17.66 -22.89 -20.36
N SER B 141 -16.94 -22.52 -19.32
CA SER B 141 -17.05 -23.09 -18.01
C SER B 141 -17.38 -21.90 -17.14
N SER B 142 -16.61 -20.81 -17.17
CA SER B 142 -16.90 -19.62 -16.41
C SER B 142 -16.99 -18.44 -17.34
N VAL B 143 -17.76 -17.48 -16.86
CA VAL B 143 -17.96 -16.18 -17.44
C VAL B 143 -17.39 -15.36 -16.27
N THR B 144 -16.67 -14.31 -16.68
CA THR B 144 -16.07 -13.31 -15.79
C THR B 144 -16.80 -12.05 -16.23
N LEU B 145 -17.12 -11.22 -15.23
CA LEU B 145 -17.88 -9.98 -15.38
C LEU B 145 -17.23 -8.98 -14.45
N GLY B 146 -17.53 -7.70 -14.56
CA GLY B 146 -16.95 -6.75 -13.63
C GLY B 146 -17.67 -5.43 -13.37
N CYS B 147 -17.05 -4.65 -12.51
CA CYS B 147 -17.48 -3.31 -12.24
C CYS B 147 -16.29 -2.37 -12.29
N LEU B 148 -16.53 -1.29 -13.04
CA LEU B 148 -15.65 -0.15 -13.18
C LEU B 148 -16.28 0.95 -12.33
N VAL B 149 -15.57 1.41 -11.30
CA VAL B 149 -16.03 2.48 -10.41
C VAL B 149 -15.09 3.61 -10.78
N LYS B 150 -15.50 4.45 -11.71
CA LYS B 150 -14.59 5.46 -12.20
C LYS B 150 -14.84 6.82 -11.58
N GLY B 151 -13.82 7.66 -11.47
CA GLY B 151 -13.84 9.05 -11.03
C GLY B 151 -14.43 9.34 -9.66
N TYR B 152 -13.94 8.85 -8.51
CA TYR B 152 -14.46 9.28 -7.22
C TYR B 152 -13.42 9.97 -6.32
N PHE B 153 -13.91 10.72 -5.34
CA PHE B 153 -13.14 11.34 -4.30
C PHE B 153 -14.03 11.48 -3.07
N PRO B 154 -13.56 11.37 -1.84
CA PRO B 154 -12.35 10.62 -1.44
C PRO B 154 -12.50 9.10 -1.48
N GLU B 155 -11.86 8.43 -0.53
CA GLU B 155 -12.03 7.02 -0.31
C GLU B 155 -12.61 6.93 1.09
N PRO B 156 -13.27 5.86 1.57
CA PRO B 156 -13.43 4.60 0.85
C PRO B 156 -14.64 4.39 -0.06
N VAL B 157 -14.64 3.18 -0.63
CA VAL B 157 -15.74 2.62 -1.40
C VAL B 157 -15.80 1.16 -0.94
N THR B 158 -17.01 0.65 -0.76
CA THR B 158 -17.24 -0.72 -0.39
C THR B 158 -17.82 -1.33 -1.67
N LEU B 159 -17.18 -2.35 -2.28
CA LEU B 159 -17.76 -2.99 -3.45
C LEU B 159 -18.07 -4.46 -3.13
N THR B 160 -19.27 -4.91 -3.48
CA THR B 160 -19.61 -6.30 -3.39
C THR B 160 -20.35 -6.79 -4.60
N TRP B 161 -20.46 -8.10 -4.61
CA TRP B 161 -21.12 -8.81 -5.67
C TRP B 161 -22.23 -9.43 -4.92
N ASN B 162 -23.40 -8.89 -5.23
CA ASN B 162 -24.65 -9.35 -4.70
C ASN B 162 -24.68 -9.28 -3.21
N SER B 163 -24.30 -8.11 -2.70
CA SER B 163 -24.37 -7.81 -1.27
C SER B 163 -23.45 -8.60 -0.32
N GLY B 164 -22.45 -9.33 -0.84
CA GLY B 164 -21.53 -10.05 0.03
C GLY B 164 -21.63 -11.55 -0.15
N SER B 165 -22.77 -12.10 -0.63
CA SER B 165 -22.89 -13.55 -0.78
C SER B 165 -22.10 -14.17 -1.92
N LEU B 166 -21.47 -13.37 -2.78
CA LEU B 166 -20.64 -13.86 -3.85
C LEU B 166 -19.28 -13.25 -3.47
N SER B 167 -18.47 -14.05 -2.74
CA SER B 167 -17.08 -13.71 -2.40
C SER B 167 -16.12 -14.65 -3.15
N SER B 168 -16.51 -15.87 -3.53
CA SER B 168 -15.60 -16.71 -4.26
C SER B 168 -15.49 -16.30 -5.74
N GLY B 169 -14.24 -16.11 -6.17
CA GLY B 169 -13.92 -15.71 -7.53
C GLY B 169 -13.92 -14.20 -7.73
N VAL B 170 -13.75 -13.39 -6.69
CA VAL B 170 -13.80 -11.94 -6.79
C VAL B 170 -12.38 -11.41 -6.77
N HIS B 171 -12.08 -10.33 -7.49
CA HIS B 171 -10.79 -9.66 -7.45
C HIS B 171 -11.08 -8.19 -7.48
N THR B 172 -10.84 -7.46 -6.41
CA THR B 172 -11.00 -6.01 -6.42
C THR B 172 -9.61 -5.41 -6.56
N PHE B 173 -9.37 -4.61 -7.60
CA PHE B 173 -8.05 -4.02 -7.81
C PHE B 173 -7.99 -2.66 -7.10
N PRO B 174 -6.86 -2.34 -6.43
CA PRO B 174 -6.58 -1.03 -5.82
C PRO B 174 -7.00 0.23 -6.59
N ALA B 175 -7.25 1.25 -5.79
CA ALA B 175 -7.60 2.52 -6.37
C ALA B 175 -6.28 3.17 -6.83
N VAL B 176 -6.31 3.94 -7.89
CA VAL B 176 -5.15 4.62 -8.46
C VAL B 176 -5.65 6.05 -8.62
N LEU B 177 -4.75 7.00 -8.46
CA LEU B 177 -5.12 8.39 -8.49
C LEU B 177 -4.57 8.97 -9.77
N GLN B 178 -5.50 9.60 -10.43
CA GLN B 178 -5.36 10.12 -11.76
C GLN B 178 -5.96 11.52 -11.60
N SER B 179 -5.10 12.43 -11.14
CA SER B 179 -5.45 13.83 -10.89
C SER B 179 -6.73 14.08 -10.07
N ASP B 180 -6.59 13.95 -8.73
CA ASP B 180 -7.62 14.16 -7.69
C ASP B 180 -8.69 13.05 -7.57
N LEU B 181 -8.97 12.40 -8.69
CA LEU B 181 -9.96 11.34 -8.79
C LEU B 181 -9.36 9.97 -8.84
N TYR B 182 -10.08 9.06 -8.20
CA TYR B 182 -9.66 7.67 -8.18
C TYR B 182 -10.49 6.90 -9.18
N THR B 183 -9.96 5.69 -9.45
CA THR B 183 -10.68 4.63 -10.12
C THR B 183 -10.28 3.27 -9.51
N LEU B 184 -11.37 2.48 -9.35
CA LEU B 184 -11.32 1.13 -8.82
C LEU B 184 -12.02 0.19 -9.79
N SER B 185 -11.67 -1.09 -9.77
CA SER B 185 -12.31 -2.09 -10.60
C SER B 185 -12.40 -3.46 -9.90
N SER B 186 -13.43 -4.25 -10.18
CA SER B 186 -13.53 -5.56 -9.60
C SER B 186 -14.02 -6.53 -10.68
N SER B 187 -13.77 -7.83 -10.51
CA SER B 187 -14.24 -8.83 -11.41
C SER B 187 -14.69 -9.93 -10.51
N VAL B 188 -15.64 -10.74 -10.97
CA VAL B 188 -16.00 -11.96 -10.28
C VAL B 188 -16.20 -12.97 -11.39
N THR B 189 -15.81 -14.20 -11.04
CA THR B 189 -15.96 -15.39 -11.86
C THR B 189 -17.02 -16.33 -11.30
N VAL B 190 -17.93 -16.72 -12.18
CA VAL B 190 -19.07 -17.60 -11.92
C VAL B 190 -19.20 -18.50 -13.15
N THR B 191 -19.65 -19.73 -12.99
CA THR B 191 -19.89 -20.70 -14.05
C THR B 191 -20.85 -20.24 -15.16
N SER B 192 -20.81 -20.94 -16.30
CA SER B 192 -21.63 -20.65 -17.43
C SER B 192 -23.03 -21.06 -17.10
N SER B 193 -23.15 -21.93 -16.11
CA SER B 193 -24.41 -22.35 -15.55
C SER B 193 -24.86 -21.43 -14.41
N THR B 194 -24.31 -20.22 -14.32
CA THR B 194 -24.68 -19.33 -13.24
C THR B 194 -25.19 -18.01 -13.80
N TRP B 195 -24.44 -17.28 -14.61
CA TRP B 195 -24.97 -16.06 -15.19
C TRP B 195 -25.23 -16.49 -16.65
N PRO B 196 -26.29 -16.08 -17.37
CA PRO B 196 -27.26 -15.02 -17.07
C PRO B 196 -28.62 -15.46 -16.57
N SER B 197 -28.60 -16.65 -16.00
CA SER B 197 -29.78 -17.28 -15.45
C SER B 197 -29.93 -16.59 -14.11
N GLN B 198 -28.89 -16.74 -13.28
CA GLN B 198 -28.82 -16.00 -12.05
C GLN B 198 -28.33 -14.63 -12.46
N SER B 199 -28.55 -13.72 -11.53
CA SER B 199 -28.27 -12.32 -11.75
C SER B 199 -27.15 -11.97 -10.82
N ILE B 200 -26.24 -11.10 -11.29
CA ILE B 200 -25.23 -10.60 -10.42
C ILE B 200 -25.36 -9.10 -10.58
N THR B 201 -25.25 -8.47 -9.43
CA THR B 201 -25.37 -7.04 -9.29
C THR B 201 -24.14 -6.75 -8.43
N CYS B 202 -23.33 -5.84 -8.95
CA CYS B 202 -22.22 -5.26 -8.22
C CYS B 202 -22.86 -4.11 -7.42
N ASN B 203 -22.57 -4.00 -6.13
CA ASN B 203 -23.09 -2.93 -5.27
C ASN B 203 -21.89 -2.09 -4.79
N VAL B 204 -21.83 -0.77 -5.03
CA VAL B 204 -20.72 0.11 -4.64
C VAL B 204 -21.32 1.09 -3.66
N ALA B 205 -20.68 1.35 -2.54
CA ALA B 205 -21.19 2.29 -1.57
C ALA B 205 -20.15 3.38 -1.48
N HIS B 206 -20.46 4.66 -1.53
CA HIS B 206 -19.44 5.68 -1.33
C HIS B 206 -19.90 6.59 -0.19
N PRO B 207 -19.66 6.21 1.08
CA PRO B 207 -20.25 6.82 2.25
C PRO B 207 -20.03 8.33 2.26
N ALA B 208 -18.88 8.86 1.85
CA ALA B 208 -18.62 10.30 1.80
C ALA B 208 -19.54 11.19 0.97
N SER B 209 -20.60 10.66 0.36
CA SER B 209 -21.59 11.43 -0.38
C SER B 209 -23.00 10.79 -0.31
N SER B 210 -23.15 9.75 0.54
CA SER B 210 -24.33 8.91 0.71
C SER B 210 -24.76 8.10 -0.51
N THR B 211 -23.82 7.74 -1.38
CA THR B 211 -24.12 7.02 -2.60
C THR B 211 -24.12 5.55 -2.27
N LYS B 212 -25.18 4.98 -2.83
CA LYS B 212 -25.47 3.56 -2.77
C LYS B 212 -25.90 3.22 -4.21
N VAL B 213 -25.16 2.39 -4.95
CA VAL B 213 -25.42 2.13 -6.35
C VAL B 213 -25.30 0.64 -6.58
N ASP B 214 -26.37 0.09 -7.18
CA ASP B 214 -26.42 -1.31 -7.59
C ASP B 214 -26.43 -1.37 -9.11
N LYS B 215 -25.50 -2.15 -9.64
CA LYS B 215 -25.21 -2.21 -11.05
C LYS B 215 -25.31 -3.66 -11.45
N LYS B 216 -26.29 -3.99 -12.27
CA LYS B 216 -26.50 -5.39 -12.68
C LYS B 216 -25.72 -5.69 -13.96
N ILE B 217 -25.03 -6.83 -13.96
CA ILE B 217 -24.33 -7.27 -15.13
C ILE B 217 -25.39 -8.11 -15.80
N GLU B 218 -25.59 -7.63 -17.00
CA GLU B 218 -26.64 -8.08 -17.87
C GLU B 218 -26.00 -8.06 -19.24
N PRO B 219 -26.32 -8.98 -20.18
CA PRO B 219 -25.55 -9.29 -21.39
C PRO B 219 -25.76 -8.34 -22.58
N ARG B 220 -26.54 -7.41 -22.40
C ACE C 1 15.71 15.94 33.08
O ACE C 1 14.99 14.95 32.97
CH3 ACE C 1 16.40 16.23 34.41
N ASP C 2 15.92 16.81 32.08
CA ASP C 2 15.38 16.65 30.74
C ASP C 2 16.66 16.68 29.94
N VAL C 3 16.77 15.41 29.57
CA VAL C 3 17.86 14.89 28.77
C VAL C 3 17.58 15.08 27.29
N PRO C 4 18.58 15.36 26.44
CA PRO C 4 18.43 15.30 24.97
C PRO C 4 18.05 13.92 24.39
N ASP C 5 18.06 13.77 23.08
CA ASP C 5 17.79 12.49 22.49
C ASP C 5 19.12 11.78 22.21
N TYR C 6 19.23 10.50 22.56
CA TYR C 6 20.39 9.69 22.25
C TYR C 6 20.81 9.67 20.77
N ALA C 7 19.93 9.76 19.78
CA ALA C 7 20.38 9.78 18.41
C ALA C 7 20.74 11.22 18.04
N SER C 8 21.48 11.96 18.84
CA SER C 8 21.70 13.36 18.58
C SER C 8 23.09 13.69 19.08
#